data_2OH4
#
_entry.id   2OH4
#
_cell.length_a   38.370
_cell.length_b   94.250
_cell.length_c   95.754
_cell.angle_alpha   90.00
_cell.angle_beta   90.00
_cell.angle_gamma   90.00
#
_symmetry.space_group_name_H-M   'P 21 21 21'
#
loop_
_entity.id
_entity.type
_entity.pdbx_description
1 polymer 'Vascular endothelial growth factor receptor 2'
2 non-polymer 'SULFATE ION'
3 non-polymer 'METHYL (5-{4-[({[2-FLUORO-5-(TRIFLUOROMETHYL)PHENYL]AMINO}CARBONYL)AMINO]PHENOXY}-1H-BENZIMIDAZOL-2-YL)CARBAMATE'
4 water water
#
_entity_poly.entity_id   1
_entity_poly.type   'polypeptide(L)'
_entity_poly.pdbx_seq_one_letter_code
;HMDPDELPLDEHCERLPYDASKWEFPRDRLNLGKPLGRGAFGQVIEADAFGIDKTATCRTVAVKMLKEGATHSEHRALMS
ELKILIHIGHHLNVVNLLGACTKPGGPLMVIVEFCKFGNLSTYLRSKRNEFVPYKTPEDLYKDFLTLEHLICYSFQVAKG
MEFLASRKCIHRDLAARNILLSEKNVVKICDFGLARDI(PTR)KDPD(PTR)VRKGDARLPLKWMAPETIFDRVYTIQSD
VWSFGVLLWEIFSLGASPYPGVKIDEEFCRRLKEGTRMRAPDYTTPEMYQTMLDCWHGEPSQRPTFSELVEHLGNLLQAN
AQQD
;
_entity_poly.pdbx_strand_id   A
#
# COMPACT_ATOMS: atom_id res chain seq x y z
N HIS A 12 -16.73 6.81 -4.74
CA HIS A 12 -18.16 6.33 -4.85
C HIS A 12 -18.24 4.87 -5.29
N CYS A 13 -18.91 4.59 -6.42
CA CYS A 13 -19.32 3.21 -6.73
C CYS A 13 -19.47 2.93 -8.23
N GLU A 14 -19.76 1.67 -8.53
CA GLU A 14 -19.89 1.17 -9.90
C GLU A 14 -20.84 1.98 -10.81
N ARG A 15 -21.79 2.72 -10.21
CA ARG A 15 -22.79 3.48 -10.97
C ARG A 15 -22.29 4.85 -11.48
N LEU A 16 -21.13 5.32 -11.01
CA LEU A 16 -20.59 6.61 -11.48
C LEU A 16 -20.40 6.60 -13.00
N PRO A 17 -20.35 7.78 -13.63
CA PRO A 17 -20.19 7.83 -15.09
C PRO A 17 -18.80 7.38 -15.42
N TYR A 18 -18.58 6.90 -16.64
CA TYR A 18 -17.30 6.40 -17.06
C TYR A 18 -16.94 7.05 -18.39
N ASP A 19 -15.85 7.82 -18.41
CA ASP A 19 -15.45 8.50 -19.63
C ASP A 19 -14.58 7.56 -20.44
N ALA A 20 -15.22 6.85 -21.37
CA ALA A 20 -14.50 5.89 -22.20
C ALA A 20 -13.38 6.55 -23.01
N SER A 21 -13.58 7.79 -23.44
CA SER A 21 -12.55 8.48 -24.22
C SER A 21 -11.25 8.54 -23.43
N LYS A 22 -11.37 8.83 -22.15
CA LYS A 22 -10.20 8.95 -21.30
C LYS A 22 -9.57 7.62 -20.91
N TRP A 23 -10.39 6.60 -20.63
CA TRP A 23 -9.89 5.41 -19.93
C TRP A 23 -9.86 4.13 -20.74
N GLU A 24 -10.68 4.03 -21.79
CA GLU A 24 -10.86 2.75 -22.46
C GLU A 24 -9.62 2.39 -23.28
N PHE A 25 -9.15 1.16 -23.08
CA PHE A 25 -7.96 0.66 -23.75
C PHE A 25 -8.36 -0.59 -24.56
N PRO A 26 -7.92 -0.68 -25.82
CA PRO A 26 -8.24 -1.83 -26.65
C PRO A 26 -7.68 -3.14 -26.11
N ARG A 27 -8.56 -4.14 -25.96
CA ARG A 27 -8.15 -5.50 -25.54
C ARG A 27 -7.16 -6.12 -26.51
N ASP A 28 -7.20 -5.74 -27.78
CA ASP A 28 -6.26 -6.30 -28.77
C ASP A 28 -4.86 -5.70 -28.68
N ARG A 29 -4.68 -4.71 -27.81
CA ARG A 29 -3.35 -4.16 -27.49
C ARG A 29 -2.86 -4.57 -26.08
N LEU A 30 -3.48 -5.60 -25.51
CA LEU A 30 -3.07 -6.16 -24.24
C LEU A 30 -2.65 -7.62 -24.44
N ASN A 31 -1.41 -7.94 -24.12
CA ASN A 31 -0.94 -9.33 -24.19
C ASN A 31 -0.78 -9.82 -22.74
N LEU A 32 -1.69 -10.71 -22.29
CA LEU A 32 -1.66 -11.23 -20.91
C LEU A 32 -0.51 -12.21 -20.72
N GLY A 33 0.14 -12.11 -19.56
CA GLY A 33 1.26 -12.98 -19.19
C GLY A 33 0.94 -13.80 -17.95
N LYS A 34 1.86 -13.83 -17.00
CA LYS A 34 1.72 -14.70 -15.85
C LYS A 34 0.93 -14.03 -14.70
N PRO A 35 0.28 -14.84 -13.86
CA PRO A 35 -0.43 -14.27 -12.73
C PRO A 35 0.52 -13.58 -11.76
N LEU A 36 0.05 -12.49 -11.16
CA LEU A 36 0.79 -11.76 -10.14
C LEU A 36 0.20 -11.99 -8.75
N GLY A 37 -1.07 -12.36 -8.71
CA GLY A 37 -1.81 -12.52 -7.46
C GLY A 37 -3.21 -13.04 -7.75
N ARG A 38 -3.73 -13.84 -6.84
CA ARG A 38 -5.02 -14.47 -7.02
C ARG A 38 -5.69 -14.65 -5.65
N GLY A 39 -6.95 -14.24 -5.56
CA GLY A 39 -7.75 -14.46 -4.35
C GLY A 39 -9.10 -15.06 -4.71
N ALA A 40 -9.98 -15.18 -3.72
CA ALA A 40 -11.32 -15.75 -3.94
C ALA A 40 -12.20 -14.86 -4.82
N PHE A 41 -11.95 -13.55 -4.79
CA PHE A 41 -12.72 -12.57 -5.58
C PHE A 41 -11.81 -11.73 -6.47
N GLY A 42 -11.24 -12.37 -7.47
CA GLY A 42 -10.46 -11.65 -8.49
C GLY A 42 -9.03 -12.13 -8.62
N GLN A 43 -8.42 -11.75 -9.74
CA GLN A 43 -7.03 -12.10 -10.01
C GLN A 43 -6.34 -10.92 -10.68
N VAL A 44 -5.03 -10.89 -10.54
CA VAL A 44 -4.20 -9.92 -11.20
C VAL A 44 -3.17 -10.64 -12.04
N ILE A 45 -3.04 -10.20 -13.28
CA ILE A 45 -2.14 -10.80 -14.26
C ILE A 45 -1.19 -9.75 -14.77
N GLU A 46 0.06 -10.12 -14.98
CA GLU A 46 1.00 -9.26 -15.66
C GLU A 46 0.64 -9.25 -17.13
N ALA A 47 0.82 -8.10 -17.78
CA ALA A 47 0.53 -7.97 -19.22
C ALA A 47 1.45 -6.95 -19.88
N ASP A 48 1.55 -7.06 -21.19
CA ASP A 48 2.25 -6.08 -22.02
C ASP A 48 1.21 -5.28 -22.77
N ALA A 49 1.26 -3.96 -22.61
CA ALA A 49 0.30 -3.07 -23.24
C ALA A 49 1.07 -2.19 -24.18
N PHE A 50 0.62 -2.09 -25.43
CA PHE A 50 1.26 -1.18 -26.36
C PHE A 50 0.55 0.21 -26.39
N GLY A 51 1.31 1.26 -26.14
CA GLY A 51 0.83 2.63 -26.34
C GLY A 51 -0.23 3.04 -25.33
N ILE A 52 -0.17 2.48 -24.13
CA ILE A 52 -1.13 2.80 -23.10
C ILE A 52 -0.96 4.24 -22.58
N ASP A 53 0.25 4.78 -22.66
CA ASP A 53 0.48 6.16 -22.22
C ASP A 53 0.70 7.10 -23.41
N LYS A 54 0.10 6.77 -24.54
CA LYS A 54 0.13 7.57 -25.79
C LYS A 54 1.43 7.52 -26.62
N THR A 55 2.57 7.21 -25.97
CA THR A 55 3.83 7.03 -26.70
C THR A 55 3.83 5.69 -27.42
N ALA A 56 4.82 5.47 -28.31
CA ALA A 56 4.93 4.24 -29.12
C ALA A 56 5.70 3.14 -28.38
N THR A 57 5.35 2.88 -27.12
CA THR A 57 6.10 1.92 -26.31
C THR A 57 5.25 0.71 -25.82
N CYS A 58 5.92 -0.42 -25.64
N CYS A 58 5.91 -0.43 -25.66
CA CYS A 58 5.32 -1.58 -24.99
CA CYS A 58 5.36 -1.59 -24.98
C CYS A 58 5.64 -1.54 -23.51
C CYS A 58 5.66 -1.44 -23.50
N ARG A 59 4.61 -1.43 -22.67
CA ARG A 59 4.78 -1.30 -21.22
C ARG A 59 4.22 -2.52 -20.48
N THR A 60 4.97 -3.01 -19.50
CA THR A 60 4.46 -4.04 -18.60
C THR A 60 3.51 -3.38 -17.63
N VAL A 61 2.32 -3.96 -17.52
CA VAL A 61 1.27 -3.43 -16.64
C VAL A 61 0.70 -4.59 -15.80
N ALA A 62 -0.10 -4.24 -14.79
CA ALA A 62 -0.85 -5.24 -14.03
C ALA A 62 -2.33 -5.10 -14.35
N VAL A 63 -2.98 -6.21 -14.64
CA VAL A 63 -4.38 -6.22 -15.02
C VAL A 63 -5.18 -6.98 -13.96
N LYS A 64 -6.10 -6.29 -13.29
CA LYS A 64 -7.07 -6.95 -12.40
C LYS A 64 -8.31 -7.32 -13.22
N MET A 65 -8.69 -8.57 -13.08
CA MET A 65 -9.86 -9.04 -13.77
C MET A 65 -10.52 -10.10 -12.91
N LEU A 66 -11.68 -10.56 -13.36
CA LEU A 66 -12.44 -11.57 -12.63
C LEU A 66 -11.89 -12.95 -12.91
N LYS A 67 -12.18 -13.89 -12.01
CA LYS A 67 -11.93 -15.31 -12.29
C LYS A 67 -13.15 -15.90 -13.01
N GLU A 68 -12.97 -17.07 -13.61
CA GLU A 68 -14.05 -17.79 -14.31
C GLU A 68 -15.20 -18.10 -13.34
N GLY A 69 -16.43 -17.85 -13.80
CA GLY A 69 -17.64 -18.12 -13.01
C GLY A 69 -18.02 -16.96 -12.08
N ALA A 70 -17.50 -15.77 -12.36
CA ALA A 70 -17.79 -14.61 -11.53
C ALA A 70 -19.26 -14.21 -11.60
N THR A 71 -19.82 -13.85 -10.46
CA THR A 71 -21.22 -13.44 -10.36
C THR A 71 -21.37 -11.95 -10.62
N HIS A 72 -22.63 -11.50 -10.67
CA HIS A 72 -22.97 -10.08 -10.76
C HIS A 72 -22.29 -9.27 -9.65
N SER A 73 -22.32 -9.79 -8.43
CA SER A 73 -21.73 -9.13 -7.26
C SER A 73 -20.23 -8.87 -7.44
N GLU A 74 -19.55 -9.84 -8.03
CA GLU A 74 -18.11 -9.73 -8.31
C GLU A 74 -17.83 -8.69 -9.41
N HIS A 75 -18.61 -8.74 -10.50
CA HIS A 75 -18.52 -7.75 -11.56
C HIS A 75 -18.75 -6.32 -11.03
N ARG A 76 -19.81 -6.17 -10.25
CA ARG A 76 -20.12 -4.90 -9.61
C ARG A 76 -18.93 -4.40 -8.75
N ALA A 77 -18.36 -5.30 -7.96
CA ALA A 77 -17.21 -4.97 -7.11
C ALA A 77 -16.02 -4.45 -7.92
N LEU A 78 -15.70 -5.08 -9.05
CA LEU A 78 -14.57 -4.64 -9.87
C LEU A 78 -14.89 -3.33 -10.59
N MET A 79 -16.12 -3.18 -11.05
CA MET A 79 -16.55 -1.92 -11.63
C MET A 79 -16.49 -0.79 -10.59
N SER A 80 -16.90 -1.08 -9.37
CA SER A 80 -16.79 -0.09 -8.30
C SER A 80 -15.32 0.36 -8.09
N GLU A 81 -14.39 -0.61 -8.07
CA GLU A 81 -12.99 -0.30 -7.85
C GLU A 81 -12.45 0.64 -8.94
N LEU A 82 -12.83 0.34 -10.19
CA LEU A 82 -12.46 1.17 -11.32
C LEU A 82 -12.90 2.62 -11.12
N LYS A 83 -14.17 2.80 -10.75
CA LYS A 83 -14.69 4.16 -10.55
C LYS A 83 -14.01 4.82 -9.35
N ILE A 84 -13.71 4.05 -8.31
CA ILE A 84 -13.01 4.58 -7.13
C ILE A 84 -11.64 5.12 -7.56
N LEU A 85 -10.92 4.34 -8.35
CA LEU A 85 -9.61 4.74 -8.82
C LEU A 85 -9.66 5.99 -9.71
N ILE A 86 -10.66 6.08 -10.58
CA ILE A 86 -10.86 7.28 -11.39
C ILE A 86 -11.14 8.47 -10.46
N HIS A 87 -11.97 8.26 -9.43
CA HIS A 87 -12.31 9.31 -8.48
C HIS A 87 -11.08 9.82 -7.74
N ILE A 88 -10.25 8.91 -7.25
CA ILE A 88 -9.04 9.28 -6.53
C ILE A 88 -8.14 10.16 -7.40
N GLY A 89 -7.90 9.74 -8.63
CA GLY A 89 -7.04 10.49 -9.55
C GLY A 89 -5.60 10.06 -9.41
N HIS A 90 -4.69 10.85 -9.96
CA HIS A 90 -3.30 10.49 -10.09
C HIS A 90 -2.43 11.14 -9.00
N HIS A 91 -1.56 10.35 -8.41
CA HIS A 91 -0.49 10.85 -7.59
C HIS A 91 0.64 9.86 -7.77
N LEU A 92 1.86 10.38 -7.74
CA LEU A 92 3.08 9.58 -7.85
C LEU A 92 3.11 8.39 -6.87
N ASN A 93 2.60 8.60 -5.66
CA ASN A 93 2.73 7.62 -4.58
C ASN A 93 1.46 6.84 -4.30
N VAL A 94 0.57 6.82 -5.28
CA VAL A 94 -0.65 6.00 -5.25
C VAL A 94 -0.69 5.14 -6.50
N VAL A 95 -1.17 3.90 -6.32
CA VAL A 95 -1.48 2.98 -7.43
C VAL A 95 -2.01 3.74 -8.64
N ASN A 96 -1.36 3.63 -9.79
CA ASN A 96 -1.67 4.45 -10.96
C ASN A 96 -2.59 3.72 -11.92
N LEU A 97 -3.85 4.16 -12.00
CA LEU A 97 -4.78 3.64 -13.01
C LEU A 97 -4.33 4.09 -14.40
N LEU A 98 -4.14 3.14 -15.31
CA LEU A 98 -3.70 3.47 -16.68
C LEU A 98 -4.83 3.34 -17.70
N GLY A 99 -5.80 2.49 -17.42
CA GLY A 99 -6.82 2.25 -18.42
C GLY A 99 -7.75 1.15 -17.99
N ALA A 100 -8.73 0.88 -18.83
CA ALA A 100 -9.72 -0.16 -18.55
C ALA A 100 -10.28 -0.74 -19.83
N CYS A 101 -10.75 -1.97 -19.73
CA CYS A 101 -11.42 -2.62 -20.83
C CYS A 101 -12.78 -3.01 -20.29
N THR A 102 -13.81 -2.31 -20.72
CA THR A 102 -15.16 -2.50 -20.15
C THR A 102 -16.22 -2.83 -21.20
N LYS A 103 -15.97 -2.48 -22.46
CA LYS A 103 -17.00 -2.66 -23.46
C LYS A 103 -17.18 -4.14 -23.84
N PRO A 104 -18.36 -4.49 -24.41
CA PRO A 104 -18.63 -5.86 -24.91
C PRO A 104 -17.49 -6.48 -25.73
N GLY A 105 -17.38 -7.81 -25.70
CA GLY A 105 -16.39 -8.57 -26.51
C GLY A 105 -15.19 -9.14 -25.75
N GLY A 106 -15.28 -9.14 -24.41
CA GLY A 106 -14.22 -9.68 -23.57
C GLY A 106 -14.41 -9.33 -22.11
N PRO A 107 -13.51 -9.85 -21.24
CA PRO A 107 -13.62 -9.60 -19.80
C PRO A 107 -13.45 -8.15 -19.38
N LEU A 108 -14.09 -7.79 -18.27
CA LEU A 108 -13.79 -6.56 -17.57
C LEU A 108 -12.37 -6.60 -17.02
N MET A 109 -11.60 -5.58 -17.35
CA MET A 109 -10.21 -5.53 -16.97
C MET A 109 -9.85 -4.15 -16.48
N VAL A 110 -9.16 -4.09 -15.35
CA VAL A 110 -8.66 -2.83 -14.80
C VAL A 110 -7.14 -2.83 -14.85
N ILE A 111 -6.55 -1.85 -15.53
CA ILE A 111 -5.13 -1.85 -15.84
C ILE A 111 -4.42 -0.80 -15.03
N VAL A 112 -3.46 -1.22 -14.20
CA VAL A 112 -2.71 -0.31 -13.34
C VAL A 112 -1.22 -0.49 -13.60
N GLU A 113 -0.41 0.45 -13.15
CA GLU A 113 1.00 0.35 -13.34
C GLU A 113 1.57 -0.82 -12.57
N PHE A 114 2.59 -1.44 -13.18
CA PHE A 114 3.36 -2.54 -12.60
C PHE A 114 4.57 -1.95 -11.87
N CYS A 115 4.82 -2.47 -10.68
CA CYS A 115 5.89 -2.00 -9.80
C CYS A 115 6.84 -3.17 -9.61
N LYS A 116 7.97 -3.10 -10.32
CA LYS A 116 8.76 -4.29 -10.55
C LYS A 116 9.37 -4.97 -9.30
N PHE A 117 9.51 -4.24 -8.19
CA PHE A 117 10.14 -4.82 -7.00
C PHE A 117 9.13 -5.41 -6.02
N GLY A 118 7.84 -5.28 -6.33
CA GLY A 118 6.78 -5.88 -5.52
C GLY A 118 6.59 -5.20 -4.17
N ASN A 119 6.02 -5.94 -3.21
CA ASN A 119 5.60 -5.30 -1.98
C ASN A 119 6.78 -5.01 -1.06
N LEU A 120 6.65 -3.92 -0.32
CA LEU A 120 7.77 -3.34 0.39
C LEU A 120 8.22 -4.20 1.57
N SER A 121 7.28 -4.94 2.15
CA SER A 121 7.59 -5.81 3.30
C SER A 121 8.59 -6.90 2.91
N THR A 122 8.27 -7.62 1.85
CA THR A 122 9.10 -8.69 1.32
C THR A 122 10.42 -8.13 0.80
N TYR A 123 10.34 -7.00 0.09
CA TYR A 123 11.54 -6.36 -0.42
C TYR A 123 12.53 -6.02 0.70
N LEU A 124 12.04 -5.39 1.76
CA LEU A 124 12.92 -4.97 2.86
C LEU A 124 13.52 -6.16 3.58
N ARG A 125 12.71 -7.20 3.79
CA ARG A 125 13.23 -8.46 4.31
C ARG A 125 14.39 -9.00 3.48
N SER A 126 14.28 -8.92 2.16
CA SER A 126 15.34 -9.42 1.28
C SER A 126 16.61 -8.56 1.33
N LYS A 127 16.52 -7.35 1.88
CA LYS A 127 17.67 -6.45 1.95
C LYS A 127 18.35 -6.40 3.33
N ARG A 128 17.98 -7.28 4.24
CA ARG A 128 18.53 -7.24 5.61
C ARG A 128 20.06 -7.39 5.71
N ASN A 129 20.64 -8.14 4.78
CA ASN A 129 22.09 -8.30 4.69
C ASN A 129 22.73 -7.26 3.76
N GLU A 130 21.89 -6.37 3.21
CA GLU A 130 22.33 -5.32 2.30
C GLU A 130 21.87 -3.95 2.83
N PHE A 131 21.99 -3.75 4.14
CA PHE A 131 21.63 -2.48 4.78
C PHE A 131 22.77 -1.93 5.62
N VAL A 132 23.09 -0.65 5.44
CA VAL A 132 23.98 0.08 6.36
C VAL A 132 23.42 1.49 6.60
N PRO A 133 23.50 2.01 7.85
CA PRO A 133 22.94 3.35 8.11
C PRO A 133 23.41 4.43 7.12
N TYR A 134 24.71 4.58 6.97
CA TYR A 134 25.29 5.43 5.94
C TYR A 134 26.43 4.69 5.24
N TYR A 141 29.03 -0.49 -1.38
CA TYR A 141 27.64 -0.44 -0.92
C TYR A 141 26.70 0.09 -2.01
N LYS A 142 26.97 -0.23 -3.28
CA LYS A 142 26.19 0.36 -4.39
C LYS A 142 24.71 -0.03 -4.39
N ASP A 143 24.42 -1.30 -4.10
CA ASP A 143 23.03 -1.78 -4.03
C ASP A 143 22.48 -1.84 -2.60
N PHE A 144 23.16 -1.21 -1.65
CA PHE A 144 22.71 -1.26 -0.26
C PHE A 144 21.55 -0.28 -0.02
N LEU A 145 20.68 -0.65 0.92
CA LEU A 145 19.75 0.30 1.51
C LEU A 145 20.45 1.06 2.64
N THR A 146 20.02 2.29 2.88
CA THR A 146 20.55 3.11 3.96
C THR A 146 19.38 3.81 4.65
N LEU A 147 19.68 4.56 5.71
CA LEU A 147 18.67 5.39 6.35
C LEU A 147 17.98 6.32 5.35
N GLU A 148 18.75 6.87 4.42
CA GLU A 148 18.19 7.72 3.36
C GLU A 148 17.05 7.00 2.65
N HIS A 149 17.26 5.72 2.31
CA HIS A 149 16.22 4.93 1.64
C HIS A 149 14.97 4.79 2.50
N LEU A 150 15.18 4.38 3.75
CA LEU A 150 14.07 4.11 4.66
C LEU A 150 13.24 5.37 4.96
N ILE A 151 13.92 6.50 5.13
CA ILE A 151 13.21 7.74 5.42
C ILE A 151 12.48 8.23 4.16
N CYS A 152 13.12 8.05 3.00
CA CYS A 152 12.49 8.39 1.72
C CYS A 152 11.22 7.59 1.48
N TYR A 153 11.24 6.28 1.76
CA TYR A 153 10.03 5.48 1.63
C TYR A 153 8.94 5.97 2.56
N SER A 154 9.32 6.30 3.81
CA SER A 154 8.36 6.81 4.79
C SER A 154 7.71 8.09 4.31
N PHE A 155 8.55 9.03 3.88
CA PHE A 155 8.10 10.32 3.36
C PHE A 155 7.12 10.15 2.19
N GLN A 156 7.49 9.27 1.27
CA GLN A 156 6.68 9.01 0.08
C GLN A 156 5.30 8.47 0.45
N VAL A 157 5.24 7.51 1.36
CA VAL A 157 3.95 6.99 1.83
C VAL A 157 3.11 8.10 2.49
N ALA A 158 3.75 8.95 3.28
CA ALA A 158 3.03 10.06 3.91
C ALA A 158 2.47 10.99 2.84
N LYS A 159 3.22 11.21 1.76
CA LYS A 159 2.76 12.06 0.67
C LYS A 159 1.56 11.41 0.00
N GLY A 160 1.62 10.11 -0.24
CA GLY A 160 0.51 9.42 -0.86
C GLY A 160 -0.73 9.49 -0.01
N MET A 161 -0.55 9.33 1.30
CA MET A 161 -1.67 9.34 2.24
C MET A 161 -2.26 10.73 2.42
N GLU A 162 -1.39 11.74 2.45
CA GLU A 162 -1.85 13.13 2.41
C GLU A 162 -2.74 13.34 1.18
N PHE A 163 -2.31 12.83 0.02
CA PHE A 163 -3.14 12.93 -1.19
C PHE A 163 -4.48 12.19 -1.02
N LEU A 164 -4.44 10.98 -0.49
CA LEU A 164 -5.66 10.20 -0.32
C LEU A 164 -6.65 10.88 0.64
N ALA A 165 -6.11 11.40 1.74
CA ALA A 165 -6.90 12.22 2.67
C ALA A 165 -7.55 13.40 1.98
N SER A 166 -6.84 14.07 1.07
CA SER A 166 -7.41 15.20 0.34
C SER A 166 -8.54 14.77 -0.62
N ARG A 167 -8.57 13.51 -1.04
CA ARG A 167 -9.66 12.98 -1.88
C ARG A 167 -10.78 12.40 -1.02
N LYS A 168 -10.67 12.58 0.30
CA LYS A 168 -11.63 12.08 1.27
C LYS A 168 -11.69 10.57 1.28
N CYS A 169 -10.55 9.93 1.09
CA CYS A 169 -10.45 8.48 1.14
C CYS A 169 -9.82 8.08 2.45
N ILE A 170 -10.23 6.92 2.96
CA ILE A 170 -9.60 6.30 4.13
C ILE A 170 -9.11 4.95 3.63
N HIS A 171 -7.85 4.61 3.91
CA HIS A 171 -7.29 3.37 3.42
C HIS A 171 -7.84 2.13 4.14
N ARG A 172 -7.75 2.16 5.46
CA ARG A 172 -8.28 1.10 6.36
C ARG A 172 -7.36 -0.10 6.61
N ASP A 173 -6.41 -0.36 5.70
CA ASP A 173 -5.41 -1.39 5.93
C ASP A 173 -4.03 -1.00 5.45
N LEU A 174 -3.55 0.12 5.97
CA LEU A 174 -2.26 0.64 5.58
C LEU A 174 -1.17 -0.19 6.27
N ALA A 175 -0.38 -0.87 5.45
CA ALA A 175 0.67 -1.77 5.89
C ALA A 175 1.70 -1.90 4.78
N ALA A 176 2.90 -2.33 5.13
CA ALA A 176 4.00 -2.43 4.16
C ALA A 176 3.70 -3.39 3.01
N ARG A 177 2.87 -4.40 3.26
CA ARG A 177 2.47 -5.36 2.21
C ARG A 177 1.61 -4.71 1.11
N ASN A 178 0.99 -3.59 1.46
CA ASN A 178 0.14 -2.83 0.53
C ASN A 178 0.87 -1.63 -0.05
N ILE A 179 2.20 -1.58 0.11
CA ILE A 179 3.05 -0.59 -0.55
C ILE A 179 3.86 -1.32 -1.59
N LEU A 180 3.86 -0.85 -2.84
CA LEU A 180 4.61 -1.51 -3.91
C LEU A 180 5.77 -0.62 -4.27
N LEU A 181 6.87 -1.24 -4.66
CA LEU A 181 8.11 -0.53 -4.96
C LEU A 181 8.38 -0.63 -6.45
N SER A 182 8.48 0.53 -7.08
CA SER A 182 8.64 0.60 -8.49
C SER A 182 10.12 0.91 -8.74
N GLU A 183 10.45 1.25 -9.97
CA GLU A 183 11.82 1.62 -10.31
C GLU A 183 12.18 2.93 -9.63
N LYS A 184 13.48 3.21 -9.52
CA LYS A 184 13.97 4.48 -9.00
C LYS A 184 13.49 4.78 -7.58
N ASN A 185 13.25 3.71 -6.82
CA ASN A 185 12.86 3.79 -5.43
C ASN A 185 11.56 4.55 -5.16
N VAL A 186 10.67 4.53 -6.15
CA VAL A 186 9.35 5.13 -6.00
C VAL A 186 8.41 4.09 -5.41
N VAL A 187 7.78 4.44 -4.29
CA VAL A 187 6.81 3.53 -3.67
C VAL A 187 5.40 4.03 -3.94
N LYS A 188 4.47 3.07 -4.05
CA LYS A 188 3.08 3.35 -4.33
C LYS A 188 2.12 2.63 -3.38
N ILE A 189 1.18 3.38 -2.84
CA ILE A 189 0.19 2.84 -1.95
C ILE A 189 -0.86 2.14 -2.80
N CYS A 190 -1.25 0.95 -2.39
N CYS A 190 -1.23 0.93 -2.37
CA CYS A 190 -2.35 0.28 -3.07
CA CYS A 190 -2.26 0.13 -3.04
C CYS A 190 -3.20 -0.51 -2.08
C CYS A 190 -3.26 -0.44 -2.05
N ASP A 191 -4.25 -1.14 -2.59
CA ASP A 191 -5.14 -1.93 -1.80
C ASP A 191 -5.53 -3.04 -2.78
N PHE A 192 -4.84 -4.18 -2.65
CA PHE A 192 -5.00 -5.28 -3.61
C PHE A 192 -6.42 -5.78 -3.70
N GLY A 193 -7.08 -5.85 -2.54
CA GLY A 193 -8.45 -6.33 -2.45
C GLY A 193 -8.62 -7.71 -3.01
N LEU A 194 -7.63 -8.57 -2.78
CA LEU A 194 -7.68 -9.96 -3.25
C LEU A 194 -7.99 -10.93 -2.10
N ALA A 195 -7.43 -10.64 -0.92
CA ALA A 195 -7.49 -11.54 0.23
C ALA A 195 -6.79 -12.86 -0.13
N ARG A 196 -5.50 -12.74 -0.48
CA ARG A 196 -4.73 -13.88 -0.98
C ARG A 196 -4.41 -14.93 0.09
N ASP A 197 -4.28 -14.50 1.34
CA ASP A 197 -3.78 -15.40 2.38
C ASP A 197 -4.84 -16.15 3.19
N ILE A 198 -6.11 -15.82 2.95
CA ILE A 198 -7.21 -16.68 3.39
C ILE A 198 -7.73 -17.49 2.18
N LYS A 200 -5.08 -18.82 -0.24
CA LYS A 200 -3.95 -19.60 -0.76
C LYS A 200 -3.97 -21.06 -0.31
N ASP A 201 -3.71 -21.96 -1.25
CA ASP A 201 -3.61 -23.40 -0.98
C ASP A 201 -2.62 -23.65 0.17
N PRO A 202 -3.07 -24.30 1.26
CA PRO A 202 -2.19 -24.56 2.41
C PRO A 202 -0.91 -25.35 2.09
N ASP A 203 -0.94 -26.16 1.03
CA ASP A 203 0.24 -26.88 0.56
C ASP A 203 1.39 -25.94 0.17
N VAL A 205 1.53 -22.48 1.14
CA VAL A 205 1.67 -21.34 2.07
C VAL A 205 2.99 -21.47 2.84
N ARG A 206 3.81 -20.43 2.78
CA ARG A 206 5.08 -20.37 3.51
C ARG A 206 5.01 -19.29 4.58
N LYS A 207 5.74 -19.49 5.67
CA LYS A 207 5.91 -18.45 6.70
C LYS A 207 6.28 -17.13 6.04
N GLY A 208 5.53 -16.08 6.35
CA GLY A 208 5.71 -14.78 5.73
C GLY A 208 4.61 -14.41 4.76
N ASP A 209 3.92 -15.41 4.22
CA ASP A 209 2.87 -15.14 3.24
C ASP A 209 1.74 -14.31 3.84
N ALA A 210 1.27 -14.69 5.04
CA ALA A 210 0.14 -13.99 5.67
C ALA A 210 0.59 -12.98 6.72
N ARG A 211 -0.31 -12.04 7.03
CA ARG A 211 -0.15 -11.12 8.13
C ARG A 211 -1.50 -10.94 8.83
N LEU A 212 -1.46 -10.47 10.08
CA LEU A 212 -2.64 -10.33 10.92
C LEU A 212 -3.07 -8.87 11.00
N PRO A 213 -4.10 -8.47 10.23
CA PRO A 213 -4.50 -7.05 10.16
C PRO A 213 -4.79 -6.35 11.49
N LEU A 214 -5.21 -7.11 12.50
N LEU A 214 -5.21 -7.11 12.50
CA LEU A 214 -5.44 -6.55 13.84
CA LEU A 214 -5.45 -6.55 13.84
C LEU A 214 -4.23 -5.76 14.33
C LEU A 214 -4.23 -5.78 14.37
N LYS A 215 -3.03 -6.21 13.96
CA LYS A 215 -1.79 -5.58 14.41
C LYS A 215 -1.55 -4.17 13.87
N TRP A 216 -2.30 -3.79 12.84
CA TRP A 216 -2.22 -2.43 12.28
C TRP A 216 -3.37 -1.50 12.70
N MET A 217 -4.32 -2.01 13.48
CA MET A 217 -5.54 -1.30 13.80
C MET A 217 -5.37 -0.39 15.02
N ALA A 218 -5.84 0.84 14.88
CA ALA A 218 -5.89 1.78 15.99
C ALA A 218 -6.84 1.24 17.06
N PRO A 219 -6.59 1.58 18.34
CA PRO A 219 -7.44 1.09 19.44
C PRO A 219 -8.94 1.32 19.17
N GLU A 220 -9.29 2.53 18.74
CA GLU A 220 -10.70 2.82 18.41
C GLU A 220 -11.26 1.96 17.26
N THR A 221 -10.39 1.47 16.38
CA THR A 221 -10.82 0.56 15.30
C THR A 221 -11.12 -0.85 15.82
N ILE A 222 -10.41 -1.29 16.86
CA ILE A 222 -10.74 -2.57 17.49
C ILE A 222 -12.03 -2.44 18.30
N PHE A 223 -12.06 -1.43 19.17
CA PHE A 223 -13.12 -1.33 20.19
C PHE A 223 -14.42 -0.68 19.70
N ASP A 224 -14.33 0.24 18.74
CA ASP A 224 -15.51 0.97 18.26
C ASP A 224 -15.79 0.68 16.78
N ARG A 225 -15.06 -0.27 16.20
CA ARG A 225 -15.01 -0.53 14.75
C ARG A 225 -14.86 0.75 13.87
N VAL A 226 -14.17 1.74 14.42
CA VAL A 226 -14.10 3.08 13.83
C VAL A 226 -12.91 3.22 12.87
N TYR A 227 -13.20 3.47 11.58
CA TYR A 227 -12.16 3.81 10.60
C TYR A 227 -12.22 5.30 10.21
N THR A 228 -11.12 6.01 10.42
CA THR A 228 -10.98 7.41 9.98
C THR A 228 -9.58 7.65 9.41
N ILE A 229 -9.33 8.85 8.89
CA ILE A 229 -7.97 9.18 8.44
C ILE A 229 -6.99 9.15 9.61
N GLN A 230 -7.46 9.48 10.82
CA GLN A 230 -6.58 9.46 11.98
C GLN A 230 -6.28 8.04 12.44
N SER A 231 -7.17 7.08 12.18
CA SER A 231 -6.84 5.67 12.40
C SER A 231 -5.80 5.18 11.37
N ASP A 232 -5.82 5.73 10.16
CA ASP A 232 -4.80 5.43 9.17
C ASP A 232 -3.44 5.96 9.62
N VAL A 233 -3.43 7.07 10.34
CA VAL A 233 -2.18 7.60 10.89
C VAL A 233 -1.60 6.59 11.89
N TRP A 234 -2.45 6.01 12.73
CA TRP A 234 -1.99 4.95 13.64
C TRP A 234 -1.35 3.83 12.83
N SER A 235 -2.06 3.34 11.82
CA SER A 235 -1.53 2.29 10.93
C SER A 235 -0.21 2.70 10.27
N PHE A 236 -0.10 3.96 9.88
CA PHE A 236 1.14 4.46 9.28
C PHE A 236 2.31 4.33 10.25
N GLY A 237 2.06 4.60 11.52
CA GLY A 237 3.07 4.37 12.57
C GLY A 237 3.53 2.93 12.63
N VAL A 238 2.62 1.98 12.51
CA VAL A 238 3.01 0.55 12.41
C VAL A 238 3.82 0.29 11.14
N LEU A 239 3.42 0.91 10.02
CA LEU A 239 4.16 0.78 8.79
C LEU A 239 5.57 1.34 8.93
N LEU A 240 5.71 2.42 9.66
CA LEU A 240 7.04 2.96 9.96
C LEU A 240 7.87 1.93 10.72
N TRP A 241 7.24 1.29 11.69
CA TRP A 241 7.92 0.26 12.46
C TRP A 241 8.39 -0.88 11.54
N GLU A 242 7.52 -1.27 10.61
CA GLU A 242 7.87 -2.29 9.63
C GLU A 242 9.05 -1.84 8.79
N ILE A 243 9.07 -0.58 8.36
CA ILE A 243 10.18 -0.09 7.53
C ILE A 243 11.49 -0.16 8.32
N PHE A 244 11.49 0.33 9.56
CA PHE A 244 12.73 0.42 10.32
C PHE A 244 13.07 -0.85 11.10
N SER A 245 12.27 -1.91 10.92
CA SER A 245 12.63 -3.27 11.28
C SER A 245 13.03 -4.09 10.04
N LEU A 246 13.06 -3.44 8.88
CA LEU A 246 13.29 -4.11 7.61
C LEU A 246 12.36 -5.31 7.43
N GLY A 247 11.07 -5.04 7.53
CA GLY A 247 10.05 -5.99 7.15
C GLY A 247 9.74 -7.06 8.19
N ALA A 248 10.01 -6.79 9.46
CA ALA A 248 9.59 -7.70 10.52
C ALA A 248 8.09 -7.58 10.73
N SER A 249 7.52 -8.56 11.43
CA SER A 249 6.13 -8.56 11.83
C SER A 249 5.98 -7.79 13.15
N PRO A 250 4.98 -6.88 13.22
CA PRO A 250 4.73 -6.08 14.42
C PRO A 250 4.41 -6.92 15.67
N TYR A 251 4.71 -6.36 16.84
CA TYR A 251 4.41 -7.00 18.12
C TYR A 251 4.98 -8.42 18.19
N PRO A 252 6.31 -8.55 17.99
CA PRO A 252 6.92 -9.88 17.98
C PRO A 252 6.62 -10.66 19.27
N GLY A 253 6.15 -11.90 19.13
CA GLY A 253 5.94 -12.79 20.29
C GLY A 253 4.63 -12.60 21.04
N VAL A 254 4.05 -11.41 20.93
CA VAL A 254 2.81 -11.06 21.61
C VAL A 254 1.62 -11.82 21.04
N LYS A 255 0.79 -12.37 21.92
CA LYS A 255 -0.46 -12.99 21.49
C LYS A 255 -1.53 -11.92 21.39
N ILE A 256 -2.14 -11.82 20.22
CA ILE A 256 -3.15 -10.80 19.95
C ILE A 256 -4.52 -11.33 20.42
N ASP A 257 -4.77 -11.16 21.71
CA ASP A 257 -6.04 -11.52 22.32
C ASP A 257 -6.69 -10.29 22.97
N GLU A 258 -7.77 -10.50 23.72
CA GLU A 258 -8.44 -9.43 24.45
C GLU A 258 -7.48 -8.68 25.39
N GLU A 259 -6.48 -9.39 25.91
CA GLU A 259 -5.47 -8.82 26.79
C GLU A 259 -4.62 -7.79 26.06
N PHE A 260 -4.05 -8.20 24.93
CA PHE A 260 -3.28 -7.31 24.08
C PHE A 260 -4.04 -6.01 23.79
N CYS A 261 -5.31 -6.15 23.41
CA CYS A 261 -6.16 -4.99 23.14
C CYS A 261 -6.29 -4.09 24.35
N ARG A 262 -6.55 -4.70 25.51
CA ARG A 262 -6.63 -3.95 26.75
C ARG A 262 -5.36 -3.12 26.97
N ARG A 263 -4.21 -3.80 26.94
CA ARG A 263 -2.90 -3.17 27.11
C ARG A 263 -2.72 -2.00 26.14
N LEU A 264 -3.19 -2.19 24.92
CA LEU A 264 -3.06 -1.19 23.86
C LEU A 264 -3.84 0.08 24.20
N LYS A 265 -5.11 -0.07 24.57
CA LYS A 265 -5.93 1.09 24.96
C LYS A 265 -5.32 1.81 26.17
N GLU A 266 -4.58 1.06 26.99
CA GLU A 266 -3.99 1.59 28.20
C GLU A 266 -2.71 2.42 27.96
N GLY A 267 -1.99 2.14 26.89
CA GLY A 267 -0.76 2.88 26.57
C GLY A 267 0.47 2.06 26.21
N THR A 268 0.35 0.73 26.25
CA THR A 268 1.46 -0.15 25.88
C THR A 268 1.78 -0.04 24.38
N ARG A 269 3.06 0.06 24.04
CA ARG A 269 3.49 0.25 22.65
C ARG A 269 4.66 -0.64 22.30
N MET A 270 4.88 -0.85 21.01
CA MET A 270 6.09 -1.52 20.54
C MET A 270 7.34 -0.77 20.97
N ARG A 271 8.40 -1.52 21.28
CA ARG A 271 9.72 -0.95 21.46
C ARG A 271 10.29 -0.58 20.09
N ALA A 272 11.38 0.19 20.08
CA ALA A 272 12.00 0.66 18.84
C ALA A 272 12.50 -0.50 18.00
N PRO A 273 12.32 -0.45 16.67
CA PRO A 273 12.88 -1.51 15.83
C PRO A 273 14.40 -1.32 15.66
N ASP A 274 15.06 -2.37 15.16
CA ASP A 274 16.52 -2.45 15.17
C ASP A 274 17.24 -1.39 14.32
N TYR A 275 16.57 -0.86 13.30
CA TYR A 275 17.22 0.07 12.37
C TYR A 275 16.72 1.53 12.46
N THR A 276 15.92 1.84 13.48
CA THR A 276 15.33 3.17 13.62
C THR A 276 16.35 4.22 14.05
N THR A 277 16.07 5.46 13.71
CA THR A 277 16.74 6.56 14.38
C THR A 277 15.80 6.99 15.50
N PRO A 278 16.31 7.73 16.50
CA PRO A 278 15.46 8.24 17.57
C PRO A 278 14.30 9.08 17.05
N GLU A 279 14.53 9.90 16.04
CA GLU A 279 13.50 10.77 15.53
C GLU A 279 12.39 9.94 14.87
N MET A 280 12.76 8.86 14.19
CA MET A 280 11.75 8.02 13.56
C MET A 280 10.93 7.27 14.58
N TYR A 281 11.55 6.85 15.68
CA TYR A 281 10.76 6.18 16.73
C TYR A 281 9.85 7.16 17.47
N GLN A 282 10.31 8.39 17.70
CA GLN A 282 9.46 9.43 18.22
C GLN A 282 8.20 9.58 17.34
N THR A 283 8.41 9.63 16.03
CA THR A 283 7.29 9.76 15.09
C THR A 283 6.31 8.59 15.20
N MET A 284 6.83 7.39 15.38
CA MET A 284 5.96 6.24 15.57
C MET A 284 5.07 6.45 16.78
N LEU A 285 5.70 6.81 17.90
CA LEU A 285 5.00 7.10 19.15
C LEU A 285 3.95 8.18 18.99
N ASP A 286 4.29 9.22 18.20
CA ASP A 286 3.34 10.28 17.88
C ASP A 286 2.12 9.74 17.12
N CYS A 287 2.39 8.89 16.12
CA CYS A 287 1.32 8.27 15.33
C CYS A 287 0.44 7.35 16.18
N TRP A 288 1.03 6.76 17.22
CA TRP A 288 0.31 5.89 18.15
C TRP A 288 -0.33 6.60 19.36
N HIS A 289 -0.55 7.91 19.28
CA HIS A 289 -1.30 8.60 20.34
C HIS A 289 -2.67 7.94 20.54
N GLY A 290 -3.05 7.79 21.79
CA GLY A 290 -4.31 7.18 22.18
C GLY A 290 -5.50 8.00 21.72
N GLU A 291 -5.32 9.32 21.68
CA GLU A 291 -6.34 10.23 21.18
C GLU A 291 -6.11 10.49 19.68
N PRO A 292 -7.05 10.04 18.83
CA PRO A 292 -6.91 10.25 17.37
C PRO A 292 -6.62 11.70 16.97
N SER A 293 -7.27 12.68 17.63
CA SER A 293 -7.07 14.10 17.32
C SER A 293 -5.69 14.64 17.68
N GLN A 294 -4.94 13.93 18.53
CA GLN A 294 -3.60 14.34 18.93
C GLN A 294 -2.50 13.70 18.10
N ARG A 295 -2.86 12.73 17.26
CA ARG A 295 -1.91 12.15 16.30
C ARG A 295 -1.59 13.22 15.28
N PRO A 296 -0.39 13.20 14.69
CA PRO A 296 -0.17 14.13 13.59
C PRO A 296 -1.14 13.90 12.42
N THR A 297 -1.37 14.91 11.59
CA THR A 297 -2.08 14.71 10.33
C THR A 297 -1.05 14.26 9.30
N PHE A 298 -1.54 13.72 8.19
CA PHE A 298 -0.62 13.34 7.11
C PHE A 298 0.15 14.55 6.55
N SER A 299 -0.49 15.70 6.48
CA SER A 299 0.18 16.93 6.06
C SER A 299 1.35 17.28 7.01
N GLU A 300 1.09 17.19 8.32
CA GLU A 300 2.13 17.37 9.33
C GLU A 300 3.26 16.33 9.19
N LEU A 301 2.90 15.07 8.94
CA LEU A 301 3.91 14.04 8.71
C LEU A 301 4.76 14.30 7.46
N VAL A 302 4.13 14.79 6.39
CA VAL A 302 4.87 15.15 5.18
C VAL A 302 5.94 16.22 5.49
N GLU A 303 5.54 17.27 6.21
N GLU A 303 5.54 17.26 6.22
CA GLU A 303 6.48 18.33 6.57
CA GLU A 303 6.47 18.31 6.57
C GLU A 303 7.62 17.80 7.44
C GLU A 303 7.62 17.79 7.44
N HIS A 304 7.28 17.05 8.48
CA HIS A 304 8.28 16.57 9.44
C HIS A 304 9.27 15.56 8.81
N LEU A 305 8.74 14.61 8.06
CA LEU A 305 9.58 13.62 7.39
C LEU A 305 10.40 14.24 6.26
N GLY A 306 9.85 15.24 5.59
CA GLY A 306 10.62 16.04 4.63
C GLY A 306 11.82 16.70 5.31
N ASN A 307 11.60 17.26 6.48
CA ASN A 307 12.68 17.83 7.28
C ASN A 307 13.73 16.78 7.70
N LEU A 308 13.26 15.63 8.16
CA LEU A 308 14.18 14.55 8.57
C LEU A 308 14.99 14.04 7.38
N LEU A 309 14.36 13.96 6.22
CA LEU A 309 15.00 13.53 4.99
C LEU A 309 16.11 14.48 4.56
N GLN A 310 15.80 15.77 4.54
CA GLN A 310 16.77 16.80 4.19
C GLN A 310 17.93 16.90 5.18
N ALA A 311 17.63 16.81 6.47
CA ALA A 311 18.67 16.79 7.50
C ALA A 311 19.57 15.56 7.35
N ASN A 312 18.99 14.43 6.97
CA ASN A 312 19.75 13.19 6.85
C ASN A 312 20.88 13.30 5.83
N ALA A 313 20.62 14.04 4.76
CA ALA A 313 21.52 14.11 3.61
C ALA A 313 22.40 15.37 3.56
N GLN A 314 22.33 16.21 4.60
CA GLN A 314 23.08 17.47 4.61
C GLN A 314 24.60 17.28 4.82
N GLN A 315 25.40 18.30 4.48
CA GLN A 315 26.84 18.27 4.74
C GLN A 315 27.11 18.53 6.23
N ASP A 316 28.37 18.43 6.65
CA ASP A 316 28.75 18.66 8.06
C ASP A 316 28.47 20.09 8.52
#